data_8ZAK
#
_entry.id   8ZAK
#
_cell.length_a   95.742
_cell.length_b   95.742
_cell.length_c   110.905
_cell.angle_alpha   90.000
_cell.angle_beta   90.000
_cell.angle_gamma   90.000
#
_symmetry.space_group_name_H-M   'P 43 21 2'
#
loop_
_entity.id
_entity.type
_entity.pdbx_description
1 polymer 'Magnesium transport protein CorA'
2 non-polymer 'NICKEL (II) ION'
3 non-polymer 'SULFATE ION'
4 water water
#
_entity_poly.entity_id   1
_entity_poly.type   'polypeptide(L)'
_entity_poly.pdbx_seq_one_letter_code
;GSAKDPMLYIYIKTQNALVQRINFNLDSQELPQNILWIDLLHPSAAEIAFISSEFNLEFPTKEEREEIELSAKYWEDNAT
ITINAHFLVRDLKSDEEDRNLIKLRTEIVTFATAKNILFTIRYNEFSTFEEIQARILASPKNFEDGFDIIDKMFEVRVEK
DADLLEWIDKEARRLRTSVLEKKDEYSYDEMLKDISSLQELNMRVRDSLFDKRRAMTSLLKSDKIDKDIKQNLTIVLKDL
NSLVEFSVSQLNILDNIQTILASQINIEQNKIIK
;
_entity_poly.pdbx_strand_id   A,B
#
loop_
_chem_comp.id
_chem_comp.type
_chem_comp.name
_chem_comp.formula
NI non-polymer 'NICKEL (II) ION' 'Ni 2'
SO4 non-polymer 'SULFATE ION' 'O4 S -2'
#
# COMPACT_ATOMS: atom_id res chain seq x y z
N PRO A 6 9.15 -22.67 -21.19
CA PRO A 6 7.85 -23.36 -21.04
C PRO A 6 8.02 -24.68 -20.32
N MET A 7 7.88 -24.70 -19.01
CA MET A 7 8.22 -25.85 -18.19
C MET A 7 7.05 -26.29 -17.33
N LEU A 8 6.98 -27.60 -17.07
CA LEU A 8 5.93 -28.21 -16.27
C LEU A 8 6.58 -29.12 -15.24
N TYR A 9 6.44 -28.79 -13.95
CA TYR A 9 7.03 -29.55 -12.85
C TYR A 9 5.91 -30.24 -12.07
N ILE A 10 6.04 -31.55 -11.88
CA ILE A 10 5.06 -32.33 -11.15
C ILE A 10 5.70 -32.86 -9.88
N TYR A 11 5.10 -32.56 -8.74
CA TYR A 11 5.59 -32.99 -7.43
C TYR A 11 4.72 -34.14 -6.95
N ILE A 12 5.37 -35.26 -6.65
CA ILE A 12 4.72 -36.49 -6.27
C ILE A 12 5.13 -36.85 -4.85
N LYS A 13 4.27 -37.59 -4.17
CA LYS A 13 4.60 -38.20 -2.89
C LYS A 13 5.20 -39.58 -3.17
N THR A 14 6.45 -39.79 -2.75
CA THR A 14 7.14 -41.03 -3.08
C THR A 14 6.74 -42.15 -2.13
N GLN A 15 7.15 -43.37 -2.49
CA GLN A 15 6.89 -44.53 -1.65
C GLN A 15 7.44 -44.36 -0.24
N ASN A 16 8.63 -43.74 -0.12
CA ASN A 16 9.25 -43.50 1.18
C ASN A 16 8.67 -42.27 1.89
N ALA A 17 7.56 -41.73 1.39
CA ALA A 17 6.86 -40.60 2.02
C ALA A 17 7.70 -39.32 1.94
N LEU A 18 8.38 -39.15 0.82
CA LEU A 18 9.10 -37.94 0.47
C LEU A 18 8.52 -37.37 -0.81
N VAL A 19 8.92 -36.15 -1.14
CA VAL A 19 8.48 -35.47 -2.34
C VAL A 19 9.57 -35.58 -3.39
N GLN A 20 9.17 -35.79 -4.64
CA GLN A 20 10.11 -35.85 -5.76
C GLN A 20 9.57 -34.98 -6.88
N ARG A 21 10.46 -34.24 -7.54
CA ARG A 21 10.06 -33.34 -8.61
C ARG A 21 10.36 -33.97 -9.97
N ILE A 22 9.35 -34.03 -10.82
CA ILE A 22 9.46 -34.61 -12.16
C ILE A 22 9.38 -33.47 -13.17
N ASN A 23 10.41 -33.35 -14.00
CA ASN A 23 10.42 -32.46 -15.15
C ASN A 23 9.60 -33.16 -16.23
N PHE A 24 8.35 -32.74 -16.41
CA PHE A 24 7.39 -33.50 -17.19
C PHE A 24 7.31 -32.99 -18.62
N ASN A 25 7.25 -33.91 -19.57
CA ASN A 25 7.10 -33.57 -20.98
C ASN A 25 5.66 -33.86 -21.39
N LEU A 26 4.87 -32.81 -21.56
CA LEU A 26 3.47 -32.92 -21.95
C LEU A 26 3.30 -33.76 -23.21
N ASP A 27 4.08 -33.46 -24.25
CA ASP A 27 3.82 -33.98 -25.59
C ASP A 27 4.19 -35.45 -25.75
N SER A 28 4.95 -36.02 -24.81
CA SER A 28 5.39 -37.40 -24.96
C SER A 28 5.19 -38.22 -23.69
N GLN A 29 5.62 -37.70 -22.54
CA GLN A 29 5.75 -38.55 -21.35
C GLN A 29 4.37 -38.88 -20.78
N GLU A 30 4.37 -39.84 -19.85
CA GLU A 30 3.14 -40.34 -19.23
C GLU A 30 2.96 -39.79 -17.82
N LEU A 31 1.70 -39.53 -17.45
CA LEU A 31 1.37 -38.88 -16.19
C LEU A 31 1.78 -39.74 -14.99
N PRO A 32 2.33 -39.13 -13.94
CA PRO A 32 2.72 -39.88 -12.75
C PRO A 32 1.54 -40.07 -11.78
N GLN A 33 1.74 -41.00 -10.84
CA GLN A 33 0.81 -41.28 -9.76
C GLN A 33 1.17 -40.43 -8.52
N ASN A 34 0.19 -40.28 -7.62
CA ASN A 34 0.39 -39.59 -6.33
C ASN A 34 0.87 -38.14 -6.49
N ILE A 35 0.19 -37.37 -7.33
CA ILE A 35 0.58 -35.98 -7.56
C ILE A 35 0.16 -35.12 -6.37
N LEU A 36 1.09 -34.31 -5.89
CA LEU A 36 0.76 -33.32 -4.87
C LEU A 36 0.53 -31.92 -5.43
N TRP A 37 1.35 -31.52 -6.40
CA TRP A 37 1.43 -30.13 -6.82
C TRP A 37 1.95 -30.10 -8.25
N ILE A 38 1.29 -29.30 -9.10
CA ILE A 38 1.70 -29.12 -10.49
C ILE A 38 2.02 -27.65 -10.71
N ASP A 39 3.25 -27.38 -11.15
CA ASP A 39 3.80 -26.04 -11.32
C ASP A 39 3.99 -25.77 -12.81
N LEU A 40 3.29 -24.75 -13.33
CA LEU A 40 3.40 -24.32 -14.71
C LEU A 40 4.17 -23.01 -14.78
N LEU A 41 5.34 -23.03 -15.43
CA LEU A 41 6.12 -21.83 -15.66
C LEU A 41 6.08 -21.47 -17.14
N HIS A 42 5.88 -20.19 -17.45
CA HIS A 42 5.72 -19.69 -18.81
C HIS A 42 4.79 -20.57 -19.62
N PRO A 43 3.56 -20.81 -19.18
CA PRO A 43 2.71 -21.76 -19.90
C PRO A 43 2.36 -21.26 -21.28
N SER A 44 2.34 -22.19 -22.22
CA SER A 44 1.80 -21.99 -23.55
C SER A 44 0.40 -22.56 -23.59
N ALA A 45 -0.19 -22.60 -24.79
CA ALA A 45 -1.53 -23.15 -24.88
C ALA A 45 -1.55 -24.66 -24.65
N ALA A 46 -0.41 -25.33 -24.82
CA ALA A 46 -0.33 -26.76 -24.51
C ALA A 46 -0.50 -27.01 -23.02
N GLU A 47 0.21 -26.26 -22.18
CA GLU A 47 0.09 -26.46 -20.74
C GLU A 47 -1.28 -26.04 -20.23
N ILE A 48 -1.83 -24.94 -20.75
CA ILE A 48 -3.17 -24.52 -20.37
C ILE A 48 -4.21 -25.55 -20.83
N ALA A 49 -4.03 -26.11 -22.04
CA ALA A 49 -4.93 -27.16 -22.50
C ALA A 49 -4.79 -28.42 -21.66
N PHE A 50 -3.59 -28.67 -21.15
CA PHE A 50 -3.33 -29.87 -20.36
C PHE A 50 -4.11 -29.87 -19.04
N ILE A 51 -4.01 -28.79 -18.26
CA ILE A 51 -4.70 -28.77 -16.98
C ILE A 51 -6.21 -28.73 -17.18
N SER A 52 -6.68 -28.12 -18.28
CA SER A 52 -8.11 -28.13 -18.53
C SER A 52 -8.60 -29.52 -18.90
N SER A 53 -7.86 -30.21 -19.77
CA SER A 53 -8.34 -31.51 -20.22
C SER A 53 -8.25 -32.56 -19.14
N GLU A 54 -7.26 -32.45 -18.25
CA GLU A 54 -7.06 -33.48 -17.24
C GLU A 54 -7.66 -33.15 -15.88
N PHE A 55 -7.81 -31.86 -15.54
CA PHE A 55 -8.27 -31.48 -14.20
C PHE A 55 -9.45 -30.52 -14.23
N ASN A 56 -10.04 -30.25 -15.39
CA ASN A 56 -11.21 -29.39 -15.52
C ASN A 56 -10.96 -28.02 -14.90
N LEU A 57 -9.90 -27.37 -15.37
CA LEU A 57 -9.43 -26.10 -14.82
C LEU A 57 -9.37 -25.07 -15.93
N GLU A 58 -10.34 -24.16 -15.91
CA GLU A 58 -10.43 -23.09 -16.89
C GLU A 58 -10.56 -21.77 -16.14
N PHE A 59 -10.20 -20.66 -16.80
CA PHE A 59 -10.23 -19.35 -16.14
C PHE A 59 -10.84 -18.31 -17.07
N PRO A 60 -12.12 -18.48 -17.44
CA PRO A 60 -12.80 -17.39 -18.14
C PRO A 60 -13.13 -16.29 -17.16
N THR A 61 -13.19 -15.05 -17.66
CA THR A 61 -13.62 -13.95 -16.80
C THR A 61 -15.09 -13.61 -16.97
N LYS A 62 -15.79 -14.31 -17.87
CA LYS A 62 -17.23 -14.23 -17.98
C LYS A 62 -17.76 -15.64 -18.15
N GLU A 63 -18.61 -16.09 -17.23
CA GLU A 63 -19.21 -17.40 -17.36
C GLU A 63 -20.69 -17.32 -16.97
N GLU A 64 -21.43 -18.36 -17.30
CA GLU A 64 -22.87 -18.35 -17.09
C GLU A 64 -23.27 -18.69 -15.66
N ARG A 65 -22.53 -19.57 -15.00
CA ARG A 65 -22.93 -20.10 -13.71
C ARG A 65 -22.76 -19.10 -12.57
N GLU A 66 -21.77 -18.21 -12.67
CA GLU A 66 -21.44 -17.29 -11.60
C GLU A 66 -21.02 -15.95 -12.17
N GLU A 67 -21.24 -14.89 -11.39
CA GLU A 67 -20.63 -13.59 -11.66
C GLU A 67 -19.15 -13.67 -11.25
N ILE A 68 -18.26 -13.58 -12.22
CA ILE A 68 -16.82 -13.56 -11.93
C ILE A 68 -16.43 -12.11 -11.70
N GLU A 69 -15.91 -11.83 -10.51
CA GLU A 69 -15.55 -10.46 -10.12
C GLU A 69 -14.05 -10.30 -10.26
N LEU A 70 -13.61 -9.38 -11.11
CA LEU A 70 -12.20 -9.07 -11.15
C LEU A 70 -11.76 -8.24 -9.95
N SER A 71 -12.70 -7.78 -9.13
CA SER A 71 -12.34 -7.00 -7.96
C SER A 71 -12.14 -7.88 -6.74
N ALA A 72 -12.09 -9.19 -6.92
CA ALA A 72 -11.66 -10.13 -5.90
C ALA A 72 -10.39 -10.80 -6.38
N LYS A 73 -9.72 -11.50 -5.46
CA LYS A 73 -8.58 -12.33 -5.82
C LYS A 73 -8.76 -13.75 -5.31
N TYR A 74 -9.97 -14.12 -4.90
CA TYR A 74 -10.30 -15.47 -4.46
C TYR A 74 -11.64 -15.89 -5.07
N TRP A 75 -11.67 -17.07 -5.70
CA TRP A 75 -12.88 -17.63 -6.31
C TRP A 75 -12.98 -19.11 -5.99
N GLU A 76 -14.18 -19.56 -5.63
CA GLU A 76 -14.40 -20.96 -5.28
C GLU A 76 -15.76 -21.44 -5.77
N ASP A 77 -15.76 -22.60 -6.45
CA ASP A 77 -17.00 -23.29 -6.75
C ASP A 77 -16.98 -24.67 -6.06
N ASN A 78 -17.83 -25.60 -6.51
CA ASN A 78 -17.97 -26.86 -5.80
C ASN A 78 -16.74 -27.75 -5.92
N ALA A 79 -15.87 -27.55 -6.91
CA ALA A 79 -14.74 -28.42 -7.15
C ALA A 79 -13.40 -27.76 -7.02
N THR A 80 -13.31 -26.45 -7.17
CA THR A 80 -12.02 -25.81 -7.32
C THR A 80 -11.99 -24.55 -6.49
N ILE A 81 -10.78 -24.19 -6.07
CA ILE A 81 -10.45 -22.89 -5.49
C ILE A 81 -9.42 -22.26 -6.40
N THR A 82 -9.60 -20.96 -6.68
CA THR A 82 -8.64 -20.18 -7.44
C THR A 82 -8.22 -18.96 -6.64
N ILE A 83 -6.91 -18.73 -6.58
CA ILE A 83 -6.32 -17.59 -5.88
C ILE A 83 -5.28 -16.96 -6.79
N ASN A 84 -5.42 -15.67 -7.06
CA ASN A 84 -4.35 -14.90 -7.70
C ASN A 84 -3.48 -14.30 -6.59
N ALA A 85 -2.34 -14.94 -6.35
CA ALA A 85 -1.51 -14.64 -5.18
C ALA A 85 -0.48 -13.57 -5.48
N HIS A 86 -0.20 -12.72 -4.48
CA HIS A 86 0.64 -11.55 -4.64
C HIS A 86 2.08 -11.83 -4.22
N PHE A 87 3.02 -11.46 -5.09
CA PHE A 87 4.44 -11.55 -4.81
C PHE A 87 5.13 -10.25 -5.18
N LEU A 88 6.32 -10.04 -4.64
CA LEU A 88 7.15 -8.88 -4.93
C LEU A 88 8.40 -9.36 -5.66
N VAL A 89 8.79 -8.68 -6.73
CA VAL A 89 9.98 -9.05 -7.47
C VAL A 89 10.71 -7.76 -7.82
N ARG A 90 12.02 -7.89 -8.06
CA ARG A 90 12.82 -6.74 -8.43
C ARG A 90 12.30 -6.15 -9.72
N ASP A 91 12.40 -4.83 -9.84
CA ASP A 91 12.00 -4.14 -11.06
C ASP A 91 13.24 -3.66 -11.83
N ILE A 102 17.05 -0.26 -4.47
CA ILE A 102 16.19 -1.43 -4.68
C ILE A 102 14.76 -0.99 -4.91
N LYS A 103 14.19 -1.42 -6.03
CA LYS A 103 12.83 -1.08 -6.42
C LYS A 103 12.10 -2.37 -6.78
N LEU A 104 10.93 -2.57 -6.20
CA LEU A 104 10.16 -3.79 -6.38
C LEU A 104 8.90 -3.47 -7.16
N ARG A 105 8.22 -4.54 -7.59
CA ARG A 105 6.96 -4.43 -8.29
C ARG A 105 6.13 -5.68 -8.01
N THR A 106 4.83 -5.58 -8.32
CA THR A 106 3.91 -6.68 -8.11
C THR A 106 4.08 -7.76 -9.18
N GLU A 107 4.19 -9.01 -8.72
CA GLU A 107 4.12 -10.19 -9.57
C GLU A 107 3.02 -11.09 -9.03
N ILE A 108 2.15 -11.57 -9.91
CA ILE A 108 1.01 -12.40 -9.52
C ILE A 108 1.26 -13.82 -9.99
N VAL A 109 0.93 -14.78 -9.14
CA VAL A 109 0.96 -16.20 -9.49
C VAL A 109 -0.44 -16.76 -9.28
N THR A 110 -0.97 -17.48 -10.27
CA THR A 110 -2.27 -18.11 -10.09
C THR A 110 -2.09 -19.44 -9.37
N PHE A 111 -2.78 -19.59 -8.23
CA PHE A 111 -2.92 -20.83 -7.49
C PHE A 111 -4.30 -21.41 -7.79
N ALA A 112 -4.39 -22.72 -7.94
CA ALA A 112 -5.69 -23.37 -8.10
C ALA A 112 -5.64 -24.77 -7.51
N THR A 113 -6.80 -25.26 -7.06
CA THR A 113 -6.91 -26.62 -6.55
C THR A 113 -7.92 -27.40 -7.37
N ALA A 114 -7.54 -28.63 -7.74
CA ALA A 114 -8.43 -29.56 -8.41
C ALA A 114 -7.99 -30.97 -8.03
N LYS A 115 -8.95 -31.81 -7.67
CA LYS A 115 -8.69 -33.22 -7.38
C LYS A 115 -7.60 -33.35 -6.32
N ASN A 116 -7.65 -32.48 -5.31
CA ASN A 116 -6.70 -32.47 -4.20
C ASN A 116 -5.26 -32.19 -4.64
N ILE A 117 -5.08 -31.56 -5.80
CA ILE A 117 -3.76 -31.24 -6.34
C ILE A 117 -3.63 -29.72 -6.38
N LEU A 118 -2.48 -29.20 -5.94
CA LEU A 118 -2.22 -27.78 -6.08
C LEU A 118 -1.65 -27.48 -7.46
N PHE A 119 -2.16 -26.41 -8.07
CA PHE A 119 -1.64 -25.86 -9.31
C PHE A 119 -1.12 -24.46 -9.07
N THR A 120 0.10 -24.19 -9.52
CA THR A 120 0.62 -22.83 -9.56
C THR A 120 0.96 -22.50 -11.00
N ILE A 121 0.45 -21.37 -11.48
CA ILE A 121 0.70 -20.88 -12.84
C ILE A 121 1.48 -19.59 -12.71
N ARG A 122 2.71 -19.57 -13.23
CA ARG A 122 3.52 -18.38 -13.10
C ARG A 122 4.18 -18.03 -14.42
N TYR A 123 4.43 -16.74 -14.58
CA TYR A 123 4.91 -16.21 -15.85
C TYR A 123 6.31 -15.65 -15.74
N ASN A 124 6.92 -15.73 -14.56
CA ASN A 124 8.32 -15.36 -14.40
C ASN A 124 8.90 -16.25 -13.32
N GLU A 125 10.22 -16.37 -13.31
CA GLU A 125 10.91 -17.02 -12.22
C GLU A 125 11.48 -15.91 -11.34
N PHE A 126 11.26 -16.01 -10.03
CA PHE A 126 11.75 -15.01 -9.09
C PHE A 126 12.18 -15.68 -7.81
N SER A 127 12.96 -14.95 -7.01
CA SER A 127 13.70 -15.59 -5.94
C SER A 127 12.77 -16.09 -4.83
N THR A 128 11.68 -15.37 -4.56
CA THR A 128 10.77 -15.81 -3.51
C THR A 128 10.14 -17.16 -3.86
N PHE A 129 9.79 -17.36 -5.14
CA PHE A 129 9.22 -18.66 -5.48
C PHE A 129 10.27 -19.75 -5.44
N GLU A 130 11.54 -19.44 -5.69
CA GLU A 130 12.59 -20.45 -5.56
C GLU A 130 12.73 -20.89 -4.11
N GLU A 131 12.58 -19.95 -3.18
CA GLU A 131 12.63 -20.30 -1.77
C GLU A 131 11.42 -21.15 -1.39
N ILE A 132 10.27 -20.89 -2.00
CA ILE A 132 9.09 -21.74 -1.75
C ILE A 132 9.38 -23.16 -2.21
N GLN A 133 9.96 -23.31 -3.42
CA GLN A 133 10.30 -24.63 -3.95
C GLN A 133 11.25 -25.38 -3.01
N ALA A 134 12.33 -24.73 -2.60
CA ALA A 134 13.32 -25.39 -1.75
C ALA A 134 12.71 -25.87 -0.43
N ARG A 135 11.87 -25.04 0.18
CA ARG A 135 11.30 -25.40 1.48
C ARG A 135 10.31 -26.58 1.36
N ILE A 136 9.50 -26.59 0.31
CA ILE A 136 8.56 -27.69 0.13
C ILE A 136 9.33 -28.99 -0.08
N LEU A 137 10.39 -28.94 -0.87
CA LEU A 137 11.16 -30.14 -1.16
C LEU A 137 11.94 -30.63 0.04
N ALA A 138 12.27 -29.73 0.97
CA ALA A 138 13.09 -30.08 2.13
C ALA A 138 12.32 -30.15 3.44
N SER A 139 11.04 -29.85 3.46
CA SER A 139 10.30 -29.84 4.70
C SER A 139 10.19 -31.26 5.25
N PRO A 140 10.31 -31.44 6.57
CA PRO A 140 10.01 -32.76 7.15
C PRO A 140 8.52 -33.03 7.24
N LYS A 141 7.68 -32.02 7.01
CA LYS A 141 6.24 -32.21 7.05
C LYS A 141 5.80 -33.26 6.05
N ASN A 142 4.80 -34.05 6.41
CA ASN A 142 4.19 -35.02 5.49
C ASN A 142 3.02 -34.35 4.79
N PHE A 143 3.21 -34.03 3.52
CA PHE A 143 2.15 -33.43 2.70
C PHE A 143 1.27 -34.54 2.14
N GLU A 144 -0.01 -34.54 2.52
CA GLU A 144 -0.93 -35.55 2.01
C GLU A 144 -1.59 -35.15 0.69
N ASP A 145 -1.68 -33.86 0.40
CA ASP A 145 -2.30 -33.40 -0.84
C ASP A 145 -1.84 -31.97 -1.10
N GLY A 146 -2.39 -31.38 -2.18
CA GLY A 146 -1.99 -30.04 -2.55
C GLY A 146 -2.41 -28.97 -1.58
N PHE A 147 -3.42 -29.22 -0.76
CA PHE A 147 -3.84 -28.22 0.21
C PHE A 147 -2.77 -28.06 1.29
N ASP A 148 -2.10 -29.15 1.66
CA ASP A 148 -1.00 -29.07 2.59
C ASP A 148 0.14 -28.22 2.02
N ILE A 149 0.36 -28.28 0.71
CA ILE A 149 1.42 -27.49 0.09
C ILE A 149 1.14 -25.99 0.26
N ILE A 150 -0.05 -25.54 -0.14
CA ILE A 150 -0.39 -24.12 -0.07
C ILE A 150 -0.33 -23.62 1.37
N ASP A 151 -0.69 -24.49 2.32
CA ASP A 151 -0.56 -24.15 3.74
C ASP A 151 0.88 -23.76 4.07
N LYS A 152 1.85 -24.56 3.64
CA LYS A 152 3.26 -24.24 3.92
C LYS A 152 3.74 -23.02 3.12
N MET A 153 3.23 -22.83 1.91
CA MET A 153 3.63 -21.68 1.10
C MET A 153 3.27 -20.35 1.76
N PHE A 154 2.07 -20.26 2.33
CA PHE A 154 1.69 -19.03 3.01
C PHE A 154 2.65 -18.73 4.14
N GLU A 155 3.07 -19.77 4.88
CA GLU A 155 4.03 -19.59 5.95
C GLU A 155 5.38 -19.08 5.42
N VAL A 156 5.89 -19.70 4.35
CA VAL A 156 7.17 -19.27 3.80
C VAL A 156 7.06 -17.84 3.25
N ARG A 157 5.91 -17.48 2.67
CA ARG A 157 5.75 -16.15 2.10
C ARG A 157 5.71 -15.08 3.18
N VAL A 158 5.09 -15.37 4.33
CA VAL A 158 5.06 -14.39 5.41
C VAL A 158 6.46 -14.22 6.02
N GLU A 159 7.26 -15.30 6.07
CA GLU A 159 8.64 -15.17 6.55
C GLU A 159 9.48 -14.28 5.65
N LYS A 160 9.34 -14.43 4.33
CA LYS A 160 10.11 -13.63 3.39
C LYS A 160 9.71 -12.16 3.45
N ASP A 161 8.41 -11.89 3.64
CA ASP A 161 7.99 -10.52 3.94
C ASP A 161 8.63 -10.02 5.23
N ALA A 162 8.69 -10.87 6.26
CA ALA A 162 9.35 -10.48 7.51
C ALA A 162 10.82 -10.17 7.30
N ASP A 163 11.53 -11.00 6.52
CA ASP A 163 12.95 -10.74 6.25
C ASP A 163 13.13 -9.39 5.55
N LEU A 164 12.20 -9.03 4.68
CA LEU A 164 12.27 -7.75 4.01
C LEU A 164 12.04 -6.59 4.98
N LEU A 165 11.08 -6.73 5.91
CA LEU A 165 10.87 -5.68 6.91
C LEU A 165 12.08 -5.55 7.82
N GLU A 166 12.76 -6.67 8.06
CA GLU A 166 13.98 -6.66 8.87
C GLU A 166 15.10 -5.92 8.16
N TRP A 167 15.23 -6.15 6.85
CA TRP A 167 16.25 -5.42 6.11
C TRP A 167 15.98 -3.92 6.11
N ILE A 168 14.72 -3.52 5.91
CA ILE A 168 14.36 -2.11 5.98
C ILE A 168 14.68 -1.57 7.36
N ASP A 169 14.46 -2.38 8.38
CA ASP A 169 14.77 -1.96 9.74
C ASP A 169 16.25 -1.64 9.89
N LYS A 170 17.12 -2.50 9.38
CA LYS A 170 18.55 -2.23 9.44
C LYS A 170 18.88 -0.90 8.77
N GLU A 171 18.31 -0.65 7.59
CA GLU A 171 18.58 0.59 6.87
C GLU A 171 17.97 1.80 7.59
N ALA A 172 16.80 1.62 8.21
CA ALA A 172 16.16 2.73 8.92
C ALA A 172 16.96 3.13 10.14
N ARG A 173 17.56 2.16 10.85
CA ARG A 173 18.35 2.51 12.02
C ARG A 173 19.60 3.28 11.63
N ARG A 174 20.26 2.88 10.54
CA ARG A 174 21.43 3.63 10.09
C ARG A 174 21.03 5.06 9.76
N LEU A 175 19.94 5.23 9.00
CA LEU A 175 19.49 6.58 8.69
C LEU A 175 19.04 7.33 9.94
N ARG A 176 18.33 6.67 10.85
CA ARG A 176 17.88 7.35 12.06
C ARG A 176 19.06 7.90 12.83
N THR A 177 20.10 7.08 13.01
CA THR A 177 21.30 7.54 13.71
C THR A 177 21.97 8.69 12.97
N SER A 178 22.09 8.56 11.65
CA SER A 178 22.81 9.57 10.87
C SER A 178 22.12 10.92 10.94
N VAL A 179 20.79 10.94 10.82
CA VAL A 179 20.05 12.19 10.76
C VAL A 179 19.85 12.80 12.14
N LEU A 180 19.49 11.97 13.13
CA LEU A 180 19.11 12.51 14.44
C LEU A 180 20.30 13.08 15.18
N GLU A 181 21.44 12.41 15.12
CA GLU A 181 22.66 12.86 15.78
C GLU A 181 23.58 13.65 14.86
N LYS A 182 23.15 13.90 13.62
CA LYS A 182 23.92 14.63 12.60
C LYS A 182 25.35 14.09 12.48
N LYS A 183 25.46 12.77 12.65
CA LYS A 183 26.73 12.06 12.66
C LYS A 183 26.83 11.17 11.44
N ASP A 184 27.97 11.23 10.75
CA ASP A 184 28.28 10.35 9.63
C ASP A 184 27.21 10.43 8.53
N GLU A 185 26.85 11.66 8.17
CA GLU A 185 25.90 11.92 7.11
C GLU A 185 26.57 11.87 5.74
N TYR A 186 25.75 11.63 4.71
CA TYR A 186 26.22 11.82 3.34
C TYR A 186 25.35 12.88 2.68
N SER A 187 25.33 12.91 1.35
CA SER A 187 24.51 13.86 0.61
C SER A 187 23.07 13.88 1.13
N TYR A 188 22.62 15.05 1.60
CA TYR A 188 21.24 15.18 2.09
C TYR A 188 20.24 14.71 1.05
N ASP A 189 20.49 15.03 -0.23
CA ASP A 189 19.63 14.54 -1.30
C ASP A 189 19.68 13.03 -1.40
N GLU A 190 20.87 12.46 -1.28
CA GLU A 190 21.00 11.01 -1.36
C GLU A 190 20.28 10.32 -0.21
N MET A 191 20.33 10.91 0.99
CA MET A 191 19.62 10.33 2.12
C MET A 191 18.12 10.40 1.91
N LEU A 192 17.63 11.48 1.29
CA LEU A 192 16.22 11.60 0.97
C LEU A 192 15.81 10.56 -0.06
N LYS A 193 16.69 10.28 -1.03
CA LYS A 193 16.38 9.26 -2.03
C LYS A 193 16.21 7.89 -1.37
N ASP A 194 17.08 7.59 -0.41
CA ASP A 194 17.03 6.30 0.27
C ASP A 194 15.79 6.19 1.14
N ILE A 195 15.50 7.22 1.93
CA ILE A 195 14.30 7.22 2.76
C ILE A 195 13.07 6.99 1.89
N SER A 196 13.03 7.66 0.74
CA SER A 196 11.91 7.52 -0.18
C SER A 196 11.83 6.10 -0.72
N SER A 197 12.99 5.48 -0.96
CA SER A 197 13.03 4.11 -1.46
C SER A 197 12.55 3.13 -0.40
N LEU A 198 12.89 3.36 0.86
CA LEU A 198 12.48 2.48 1.94
C LEU A 198 10.98 2.60 2.23
N GLN A 199 10.46 3.81 2.12
CA GLN A 199 9.03 4.05 2.27
C GLN A 199 8.24 3.25 1.24
N GLU A 200 8.70 3.23 0.00
CA GLU A 200 8.00 2.48 -1.04
C GLU A 200 8.08 0.97 -0.76
N LEU A 201 9.25 0.48 -0.34
CA LEU A 201 9.35 -0.94 -0.01
C LEU A 201 8.42 -1.31 1.13
N ASN A 202 8.36 -0.46 2.16
CA ASN A 202 7.50 -0.72 3.32
C ASN A 202 6.04 -0.76 2.89
N MET A 203 5.62 0.17 2.05
CA MET A 203 4.23 0.22 1.63
C MET A 203 3.87 -1.00 0.77
N ARG A 204 4.79 -1.48 -0.06
CA ARG A 204 4.49 -2.63 -0.90
C ARG A 204 4.40 -3.92 -0.08
N VAL A 205 5.25 -4.09 0.93
CA VAL A 205 5.19 -5.32 1.74
C VAL A 205 3.91 -5.36 2.56
N ARG A 206 3.52 -4.23 3.15
CA ARG A 206 2.31 -4.21 3.95
C ARG A 206 1.09 -4.55 3.12
N ASP A 207 1.00 -3.98 1.91
CA ASP A 207 -0.09 -4.29 1.01
C ASP A 207 -0.04 -5.76 0.59
N SER A 208 1.18 -6.28 0.38
CA SER A 208 1.32 -7.71 0.11
C SER A 208 0.83 -8.55 1.28
N LEU A 209 1.05 -8.07 2.51
CA LEU A 209 0.59 -8.77 3.68
C LEU A 209 -0.92 -8.70 3.79
N PHE A 210 -1.50 -7.55 3.43
CA PHE A 210 -2.96 -7.44 3.41
C PHE A 210 -3.58 -8.40 2.40
N ASP A 211 -2.98 -8.54 1.21
CA ASP A 211 -3.48 -9.50 0.21
C ASP A 211 -3.49 -10.93 0.76
N LYS A 212 -2.39 -11.34 1.40
CA LYS A 212 -2.33 -12.69 1.95
C LYS A 212 -3.30 -12.89 3.10
N ARG A 213 -3.60 -11.84 3.86
CA ARG A 213 -4.60 -11.97 4.92
C ARG A 213 -5.97 -12.28 4.33
N ARG A 214 -6.39 -11.53 3.31
CA ARG A 214 -7.68 -11.77 2.69
C ARG A 214 -7.76 -13.18 2.10
N ALA A 215 -6.68 -13.66 1.45
CA ALA A 215 -6.70 -14.99 0.86
C ALA A 215 -6.80 -16.09 1.93
N MET A 216 -5.95 -16.02 2.96
CA MET A 216 -5.97 -17.05 4.01
C MET A 216 -7.30 -17.05 4.73
N THR A 217 -7.88 -15.88 4.94
CA THR A 217 -9.17 -15.79 5.61
C THR A 217 -10.26 -16.41 4.76
N SER A 218 -10.20 -16.22 3.44
CA SER A 218 -11.16 -16.87 2.55
C SER A 218 -10.94 -18.38 2.49
N LEU A 219 -9.69 -18.84 2.49
CA LEU A 219 -9.43 -20.28 2.57
C LEU A 219 -10.01 -20.88 3.86
N LEU A 220 -9.90 -20.17 4.98
CA LEU A 220 -10.44 -20.69 6.23
C LEU A 220 -11.91 -21.02 6.14
N LYS A 221 -12.64 -20.35 5.26
CA LYS A 221 -14.07 -20.61 5.18
C LYS A 221 -14.41 -21.78 4.25
N SER A 222 -13.43 -22.33 3.53
CA SER A 222 -13.70 -23.40 2.61
C SER A 222 -13.88 -24.70 3.37
N ASP A 223 -14.85 -25.51 2.95
CA ASP A 223 -14.91 -26.83 3.53
C ASP A 223 -14.05 -27.84 2.76
N LYS A 224 -13.27 -27.37 1.78
CA LYS A 224 -12.27 -28.22 1.16
C LYS A 224 -11.01 -28.32 2.01
N ILE A 225 -10.87 -27.48 3.01
CA ILE A 225 -9.66 -27.37 3.83
C ILE A 225 -9.90 -28.09 5.15
N ASP A 226 -9.02 -29.02 5.51
CA ASP A 226 -9.25 -29.76 6.75
C ASP A 226 -8.75 -28.98 7.97
N LYS A 227 -9.05 -29.51 9.15
CA LYS A 227 -8.78 -28.80 10.40
C LYS A 227 -7.30 -28.56 10.63
N ASP A 228 -6.42 -29.39 10.05
CA ASP A 228 -4.99 -29.20 10.24
C ASP A 228 -4.53 -27.92 9.57
N ILE A 229 -5.01 -27.69 8.35
CA ILE A 229 -4.58 -26.51 7.62
C ILE A 229 -5.15 -25.24 8.25
N LYS A 230 -6.43 -25.27 8.63
CA LYS A 230 -7.04 -24.08 9.23
C LYS A 230 -6.30 -23.66 10.49
N GLN A 231 -5.83 -24.62 11.28
CA GLN A 231 -5.05 -24.28 12.46
C GLN A 231 -3.74 -23.61 12.08
N ASN A 232 -3.10 -24.08 11.02
CA ASN A 232 -1.82 -23.52 10.59
C ASN A 232 -2.01 -22.14 9.97
N LEU A 233 -3.04 -21.98 9.14
CA LEU A 233 -3.32 -20.66 8.57
C LEU A 233 -3.60 -19.64 9.67
N THR A 234 -4.25 -20.08 10.75
CA THR A 234 -4.52 -19.16 11.86
C THR A 234 -3.23 -18.68 12.50
N ILE A 235 -2.26 -19.59 12.67
CA ILE A 235 -0.98 -19.23 13.26
C ILE A 235 -0.25 -18.27 12.34
N VAL A 236 -0.27 -18.52 11.04
CA VAL A 236 0.37 -17.60 10.11
C VAL A 236 -0.33 -16.24 10.15
N LEU A 237 -1.66 -16.24 10.28
CA LEU A 237 -2.41 -14.98 10.35
C LEU A 237 -2.02 -14.14 11.57
N LYS A 238 -1.80 -14.77 12.72
CA LYS A 238 -1.36 -14.00 13.88
C LYS A 238 -0.01 -13.34 13.61
N ASP A 239 0.93 -14.10 13.05
CA ASP A 239 2.24 -13.54 12.75
C ASP A 239 2.15 -12.47 11.68
N LEU A 240 1.29 -12.67 10.67
CA LEU A 240 1.09 -11.64 9.66
C LEU A 240 0.66 -10.33 10.31
N ASN A 241 -0.25 -10.41 11.27
CA ASN A 241 -0.74 -9.21 11.93
C ASN A 241 0.40 -8.51 12.68
N SER A 242 1.26 -9.27 13.35
CA SER A 242 2.46 -8.72 13.99
C SER A 242 3.32 -7.95 13.00
N LEU A 243 3.50 -8.51 11.79
CA LEU A 243 4.33 -7.85 10.77
C LEU A 243 3.67 -6.57 10.26
N VAL A 244 2.34 -6.54 10.19
CA VAL A 244 1.67 -5.32 9.76
C VAL A 244 1.89 -4.22 10.79
N GLU A 245 1.75 -4.56 12.09
CA GLU A 245 2.06 -3.63 13.17
C GLU A 245 3.50 -3.11 13.06
N PHE A 246 4.44 -4.03 12.87
CA PHE A 246 5.83 -3.64 12.70
C PHE A 246 6.03 -2.72 11.50
N SER A 247 5.36 -3.04 10.38
CA SER A 247 5.51 -2.20 9.20
C SER A 247 4.97 -0.79 9.43
N VAL A 248 3.88 -0.67 10.19
CA VAL A 248 3.29 0.63 10.45
C VAL A 248 4.19 1.48 11.35
N SER A 249 4.70 0.89 12.44
CA SER A 249 5.69 1.59 13.26
C SER A 249 6.88 2.04 12.44
N GLN A 250 7.31 1.18 11.51
CA GLN A 250 8.48 1.44 10.69
C GLN A 250 8.24 2.61 9.75
N LEU A 251 7.05 2.67 9.15
CA LEU A 251 6.74 3.76 8.22
C LEU A 251 6.68 5.10 8.96
N ASN A 252 6.12 5.11 10.17
CA ASN A 252 6.13 6.33 10.96
C ASN A 252 7.57 6.79 11.23
N ILE A 253 8.48 5.85 11.50
CA ILE A 253 9.87 6.23 11.71
C ILE A 253 10.46 6.86 10.45
N LEU A 254 10.23 6.22 9.29
CA LEU A 254 10.72 6.75 8.02
C LEU A 254 10.12 8.11 7.70
N ASP A 255 8.82 8.29 7.93
CA ASP A 255 8.20 9.59 7.65
C ASP A 255 8.77 10.67 8.56
N ASN A 256 9.07 10.33 9.81
CA ASN A 256 9.63 11.30 10.73
C ASN A 256 11.11 11.58 10.45
N ILE A 257 11.85 10.59 9.96
CA ILE A 257 13.23 10.86 9.53
C ILE A 257 13.23 11.80 8.33
N GLN A 258 12.30 11.58 7.39
CA GLN A 258 12.16 12.47 6.24
C GLN A 258 11.82 13.89 6.70
N THR A 259 10.93 14.02 7.69
CA THR A 259 10.57 15.36 8.17
C THR A 259 11.77 16.04 8.83
N ILE A 260 12.52 15.30 9.64
CA ILE A 260 13.70 15.87 10.29
C ILE A 260 14.74 16.25 9.25
N LEU A 261 14.93 15.39 8.24
CA LEU A 261 15.95 15.66 7.23
C LEU A 261 15.58 16.88 6.38
N ALA A 262 14.31 17.01 5.98
CA ALA A 262 13.88 18.20 5.25
C ALA A 262 14.01 19.45 6.11
N SER A 263 13.80 19.31 7.42
CA SER A 263 13.95 20.44 8.31
C SER A 263 15.39 20.95 8.30
N GLN A 264 16.36 20.03 8.25
CA GLN A 264 17.78 20.42 8.25
C GLN A 264 18.17 21.12 6.95
N ILE A 265 17.74 20.58 5.81
CA ILE A 265 18.02 21.20 4.52
C ILE A 265 17.56 22.65 4.51
N ASN A 266 16.31 22.85 4.91
CA ASN A 266 15.74 24.19 4.85
C ASN A 266 16.37 25.11 5.88
N ILE A 267 16.56 24.65 7.12
CA ILE A 267 17.17 25.48 8.16
C ILE A 267 18.60 25.87 7.79
N GLU A 268 19.35 24.91 7.23
CA GLU A 268 20.74 25.18 6.84
C GLU A 268 20.84 25.91 5.50
N PRO B 6 11.19 32.14 1.43
CA PRO B 6 10.99 32.33 2.87
C PRO B 6 9.79 33.23 3.18
N MET B 7 8.60 32.63 3.33
CA MET B 7 7.37 33.39 3.42
C MET B 7 6.58 33.01 4.66
N LEU B 8 5.86 34.00 5.20
CA LEU B 8 5.03 33.85 6.39
C LEU B 8 3.66 34.40 6.08
N TYR B 9 2.65 33.53 6.03
CA TYR B 9 1.28 33.91 5.72
C TYR B 9 0.39 33.74 6.95
N ILE B 10 -0.30 34.81 7.34
CA ILE B 10 -1.14 34.81 8.52
C ILE B 10 -2.60 34.93 8.06
N TYR B 11 -3.41 33.96 8.45
CA TYR B 11 -4.83 33.93 8.09
C TYR B 11 -5.63 34.38 9.31
N ILE B 12 -6.41 35.45 9.13
CA ILE B 12 -7.13 36.10 10.22
C ILE B 12 -8.63 35.99 9.97
N LYS B 13 -9.38 36.02 11.06
CA LYS B 13 -10.83 36.17 11.01
C LYS B 13 -11.14 37.66 11.12
N THR B 14 -11.82 38.20 10.12
CA THR B 14 -12.11 39.63 10.14
C THR B 14 -13.32 39.91 11.02
N GLN B 15 -13.58 41.20 11.24
CA GLN B 15 -14.77 41.59 12.02
C GLN B 15 -16.04 41.01 11.41
N ASN B 16 -16.14 40.99 10.08
CA ASN B 16 -17.29 40.46 9.37
C ASN B 16 -17.28 38.92 9.23
N ALA B 17 -16.37 38.24 9.95
CA ALA B 17 -16.33 36.77 10.04
C ALA B 17 -15.91 36.07 8.75
N LEU B 18 -14.95 36.65 8.05
CA LEU B 18 -14.36 36.03 6.88
C LEU B 18 -12.89 35.76 7.15
N VAL B 19 -12.26 35.02 6.26
CA VAL B 19 -10.84 34.75 6.37
C VAL B 19 -10.09 35.64 5.39
N GLN B 20 -8.98 36.18 5.85
CA GLN B 20 -8.11 37.06 5.08
C GLN B 20 -6.68 36.61 5.27
N ARG B 21 -5.91 36.59 4.19
CA ARG B 21 -4.53 36.16 4.24
C ARG B 21 -3.61 37.35 4.17
N ILE B 22 -2.70 37.46 5.13
CA ILE B 22 -1.75 38.55 5.23
C ILE B 22 -0.35 38.00 4.95
N ASN B 23 0.33 38.59 3.99
CA ASN B 23 1.75 38.32 3.75
C ASN B 23 2.55 39.09 4.80
N PHE B 24 3.06 38.40 5.82
CA PHE B 24 3.54 39.07 7.02
C PHE B 24 5.05 39.33 6.97
N ASN B 25 5.44 40.55 7.33
CA ASN B 25 6.83 41.00 7.41
C ASN B 25 7.23 41.06 8.88
N LEU B 26 8.16 40.20 9.29
CA LEU B 26 8.64 40.15 10.67
C LEU B 26 8.89 41.53 11.29
N GLN B 29 6.62 44.99 10.66
CA GLN B 29 5.20 44.89 10.99
C GLN B 29 4.92 44.40 12.40
N GLU B 30 3.67 44.64 12.82
CA GLU B 30 3.15 44.24 14.11
C GLU B 30 2.15 43.10 13.91
N LEU B 31 2.14 42.17 14.87
CA LEU B 31 1.30 40.99 14.74
C LEU B 31 -0.17 41.39 14.64
N PRO B 32 -0.94 40.80 13.75
CA PRO B 32 -2.36 41.16 13.62
C PRO B 32 -3.22 40.46 14.66
N GLN B 33 -4.44 40.96 14.81
CA GLN B 33 -5.39 40.36 15.73
C GLN B 33 -6.19 39.27 15.04
N ASN B 34 -6.78 38.41 15.87
CA ASN B 34 -7.70 37.37 15.43
C ASN B 34 -7.03 36.41 14.45
N ILE B 35 -5.85 35.93 14.82
CA ILE B 35 -5.13 34.97 13.99
C ILE B 35 -5.81 33.61 14.10
N LEU B 36 -6.07 32.99 12.94
CA LEU B 36 -6.54 31.61 12.87
C LEU B 36 -5.42 30.63 12.57
N TRP B 37 -4.51 31.01 11.68
CA TRP B 37 -3.60 30.04 11.09
C TRP B 37 -2.38 30.78 10.56
N ILE B 38 -1.18 30.29 10.90
CA ILE B 38 0.06 30.84 10.40
C ILE B 38 0.74 29.77 9.57
N ASP B 39 0.96 30.06 8.30
CA ASP B 39 1.55 29.12 7.35
C ASP B 39 2.96 29.59 7.05
N LEU B 40 3.95 28.77 7.43
CA LEU B 40 5.36 29.04 7.19
C LEU B 40 5.78 28.20 6.00
N LEU B 41 6.10 28.85 4.90
CA LEU B 41 6.60 28.20 3.71
C LEU B 41 8.06 28.59 3.56
N HIS B 42 8.91 27.59 3.31
CA HIS B 42 10.36 27.75 3.28
C HIS B 42 10.86 28.57 4.46
N PRO B 43 10.51 28.23 5.70
CA PRO B 43 10.90 29.08 6.84
C PRO B 43 12.39 29.03 7.11
N SER B 44 12.93 30.14 7.59
CA SER B 44 14.24 30.08 8.21
C SER B 44 14.02 29.98 9.71
N ALA B 45 15.11 29.86 10.46
CA ALA B 45 14.94 29.76 11.90
C ALA B 45 14.57 31.10 12.53
N ALA B 46 14.74 32.21 11.80
CA ALA B 46 14.22 33.49 12.30
C ALA B 46 12.71 33.44 12.46
N GLU B 47 12.00 32.91 11.46
CA GLU B 47 10.55 32.74 11.60
C GLU B 47 10.23 31.70 12.66
N ILE B 48 10.99 30.59 12.65
CA ILE B 48 10.76 29.52 13.62
C ILE B 48 10.97 30.03 15.04
N ALA B 49 11.99 30.85 15.27
CA ALA B 49 12.16 31.44 16.58
C ALA B 49 11.08 32.47 16.87
N PHE B 50 10.65 33.20 15.84
CA PHE B 50 9.65 34.23 16.04
C PHE B 50 8.34 33.63 16.54
N ILE B 51 7.83 32.60 15.85
CA ILE B 51 6.56 32.03 16.27
C ILE B 51 6.70 31.36 17.62
N SER B 52 7.86 30.78 17.94
CA SER B 52 8.05 30.21 19.27
C SER B 52 8.09 31.31 20.33
N SER B 53 8.73 32.44 20.02
CA SER B 53 8.82 33.51 21.00
C SER B 53 7.47 34.19 21.22
N GLU B 54 6.61 34.18 20.21
CA GLU B 54 5.33 34.87 20.27
C GLU B 54 4.19 33.96 20.71
N PHE B 55 4.33 32.64 20.54
CA PHE B 55 3.25 31.72 20.86
C PHE B 55 3.69 30.55 21.72
N ASN B 56 4.95 30.51 22.16
CA ASN B 56 5.49 29.43 23.00
C ASN B 56 5.26 28.06 22.35
N LEU B 57 5.79 27.92 21.14
CA LEU B 57 5.55 26.74 20.34
C LEU B 57 6.84 26.09 19.86
N GLU B 69 9.33 9.80 20.66
CA GLU B 69 8.62 8.70 20.00
C GLU B 69 8.52 8.89 18.49
N LEU B 70 9.36 8.21 17.72
CA LEU B 70 9.36 8.35 16.28
C LEU B 70 8.41 7.40 15.56
N SER B 71 7.85 6.41 16.25
CA SER B 71 6.96 5.46 15.62
C SER B 71 5.50 5.91 15.64
N ALA B 72 5.24 7.17 15.99
CA ALA B 72 3.94 7.80 15.83
C ALA B 72 4.09 9.04 14.96
N LYS B 73 2.95 9.56 14.50
CA LYS B 73 2.90 10.81 13.76
C LYS B 73 1.89 11.77 14.37
N TYR B 74 1.44 11.50 15.58
CA TYR B 74 0.55 12.36 16.32
C TYR B 74 1.09 12.47 17.74
N TRP B 75 1.27 13.70 18.22
CA TRP B 75 1.73 13.93 19.60
C TRP B 75 0.89 15.04 20.22
N GLU B 76 0.44 14.84 21.47
CA GLU B 76 -0.39 15.83 22.14
C GLU B 76 -0.04 15.92 23.61
N ASP B 77 0.16 17.14 24.09
CA ASP B 77 0.27 17.41 25.51
C ASP B 77 -0.84 18.34 25.96
N ASN B 78 -0.70 18.94 27.14
CA ASN B 78 -1.80 19.74 27.67
C ASN B 78 -2.00 21.03 26.89
N ALA B 79 -1.01 21.47 26.11
CA ALA B 79 -1.13 22.75 25.41
C ALA B 79 -1.14 22.65 23.89
N THR B 80 -0.59 21.60 23.30
CA THR B 80 -0.41 21.57 21.85
C THR B 80 -0.72 20.20 21.30
N ILE B 81 -1.11 20.18 20.02
CA ILE B 81 -1.18 18.98 19.21
C ILE B 81 -0.16 19.15 18.08
N THR B 82 0.60 18.09 17.80
CA THR B 82 1.50 18.08 16.64
C THR B 82 1.19 16.86 15.78
N ILE B 83 1.09 17.10 14.47
CA ILE B 83 0.80 16.08 13.47
C ILE B 83 1.81 16.22 12.35
N ASN B 84 2.51 15.14 12.02
CA ASN B 84 3.31 15.10 10.81
C ASN B 84 2.40 14.58 9.72
N ALA B 85 1.84 15.51 8.94
CA ALA B 85 0.75 15.24 8.03
C ALA B 85 1.26 14.80 6.67
N HIS B 86 0.54 13.89 6.05
CA HIS B 86 0.98 13.23 4.83
C HIS B 86 0.30 13.89 3.62
N PHE B 87 1.10 14.26 2.61
CA PHE B 87 0.60 14.77 1.34
C PHE B 87 1.30 14.02 0.20
N LEU B 88 0.70 14.10 -0.98
CA LEU B 88 1.26 13.52 -2.20
C LEU B 88 1.53 14.63 -3.20
N VAL B 89 2.70 14.58 -3.85
CA VAL B 89 3.09 15.54 -4.87
C VAL B 89 3.83 14.77 -5.94
N ARG B 90 3.91 15.37 -7.14
CA ARG B 90 4.64 14.77 -8.24
C ARG B 90 6.13 14.60 -7.90
N ASP B 91 6.73 13.57 -8.46
CA ASP B 91 8.15 13.30 -8.23
C ASP B 91 8.98 13.67 -9.46
N ILE B 102 2.61 9.10 -14.60
CA ILE B 102 2.44 9.83 -13.34
C ILE B 102 3.09 9.08 -12.19
N LYS B 103 3.99 9.75 -11.47
CA LYS B 103 4.69 9.18 -10.33
C LYS B 103 4.63 10.16 -9.18
N LEU B 104 4.21 9.69 -8.00
CA LEU B 104 4.02 10.55 -6.85
C LEU B 104 5.03 10.23 -5.74
N ARG B 105 5.12 11.12 -4.75
CA ARG B 105 5.98 10.92 -3.60
C ARG B 105 5.41 11.64 -2.37
N THR B 106 5.86 11.19 -1.20
CA THR B 106 5.40 11.73 0.08
C THR B 106 6.00 13.09 0.34
N GLU B 107 5.14 14.05 0.68
CA GLU B 107 5.57 15.35 1.20
C GLU B 107 4.92 15.52 2.56
N ILE B 108 5.71 15.90 3.56
CA ILE B 108 5.22 16.01 4.94
C ILE B 108 5.07 17.49 5.25
N VAL B 109 3.96 17.81 5.90
CA VAL B 109 3.67 19.12 6.45
C VAL B 109 3.45 18.92 7.93
N THR B 110 4.17 19.67 8.74
CA THR B 110 3.97 19.59 10.18
C THR B 110 2.85 20.54 10.55
N PHE B 111 1.82 20.00 11.20
CA PHE B 111 0.76 20.79 11.79
C PHE B 111 1.03 20.88 13.29
N ALA B 112 0.80 22.05 13.86
CA ALA B 112 0.85 22.18 15.31
C ALA B 112 -0.18 23.23 15.71
N THR B 113 -0.71 23.07 16.91
CA THR B 113 -1.72 23.98 17.45
C THR B 113 -1.25 24.57 18.77
N ALA B 114 -1.47 25.87 18.92
CA ALA B 114 -1.22 26.53 20.19
C ALA B 114 -2.21 27.68 20.30
N LYS B 115 -2.89 27.76 21.44
CA LYS B 115 -3.77 28.89 21.75
C LYS B 115 -4.82 29.10 20.65
N ASN B 116 -5.42 28.00 20.21
CA ASN B 116 -6.46 28.00 19.18
C ASN B 116 -5.93 28.41 17.81
N ILE B 117 -4.61 28.38 17.58
CA ILE B 117 -4.03 28.76 16.30
C ILE B 117 -3.37 27.55 15.68
N LEU B 118 -3.65 27.32 14.40
CA LEU B 118 -2.99 26.28 13.62
C LEU B 118 -1.70 26.84 13.03
N PHE B 119 -0.63 26.08 13.14
CA PHE B 119 0.64 26.38 12.51
C PHE B 119 0.93 25.29 11.50
N THR B 120 1.27 25.65 10.27
CA THR B 120 1.76 24.69 9.30
C THR B 120 3.18 25.07 8.89
N ILE B 121 4.08 24.10 8.98
CA ILE B 121 5.46 24.28 8.56
C ILE B 121 5.67 23.36 7.36
N ARG B 122 5.96 23.96 6.21
CA ARG B 122 6.19 23.22 4.99
C ARG B 122 7.35 23.83 4.24
N TYR B 123 8.00 22.99 3.43
CA TYR B 123 9.22 23.35 2.73
C TYR B 123 9.02 23.38 1.22
N ASN B 124 7.79 23.16 0.75
CA ASN B 124 7.46 23.24 -0.67
C ASN B 124 6.05 23.76 -0.84
N GLU B 125 5.79 24.32 -2.02
CA GLU B 125 4.42 24.63 -2.42
C GLU B 125 3.96 23.59 -3.44
N PHE B 126 2.75 23.07 -3.25
CA PHE B 126 2.21 22.03 -4.11
C PHE B 126 0.71 22.25 -4.25
N SER B 127 0.12 21.60 -5.27
CA SER B 127 -1.21 21.99 -5.74
C SER B 127 -2.30 21.64 -4.72
N THR B 128 -2.18 20.52 -4.01
CA THR B 128 -3.20 20.20 -3.03
C THR B 128 -3.24 21.27 -1.95
N PHE B 129 -2.07 21.78 -1.54
CA PHE B 129 -2.08 22.82 -0.52
C PHE B 129 -2.55 24.14 -1.11
N GLU B 130 -2.32 24.38 -2.40
CA GLU B 130 -2.87 25.56 -3.05
C GLU B 130 -4.39 25.48 -3.11
N GLU B 131 -4.93 24.29 -3.34
CA GLU B 131 -6.37 24.14 -3.34
C GLU B 131 -6.95 24.39 -1.94
N ILE B 132 -6.22 23.99 -0.90
CA ILE B 132 -6.65 24.23 0.48
C ILE B 132 -6.72 25.73 0.77
N GLN B 133 -5.69 26.47 0.37
CA GLN B 133 -5.66 27.91 0.57
C GLN B 133 -6.85 28.57 -0.12
N ALA B 134 -7.09 28.23 -1.39
CA ALA B 134 -8.19 28.84 -2.13
C ALA B 134 -9.54 28.52 -1.49
N ARG B 135 -9.74 27.27 -1.04
CA ARG B 135 -11.03 26.90 -0.46
C ARG B 135 -11.28 27.63 0.86
N ILE B 136 -10.27 27.73 1.73
CA ILE B 136 -10.47 28.45 2.99
C ILE B 136 -10.79 29.92 2.70
N LEU B 137 -10.09 30.55 1.75
CA LEU B 137 -10.31 31.96 1.46
C LEU B 137 -11.66 32.24 0.81
N ALA B 138 -12.27 31.27 0.14
CA ALA B 138 -13.55 31.48 -0.51
C ALA B 138 -14.69 30.82 0.24
N SER B 139 -14.41 30.12 1.33
CA SER B 139 -15.42 29.38 2.06
C SER B 139 -16.43 30.33 2.70
N PRO B 140 -17.72 29.99 2.70
CA PRO B 140 -18.68 30.77 3.51
C PRO B 140 -18.63 30.41 4.98
N LYS B 141 -17.97 29.31 5.33
CA LYS B 141 -17.96 28.84 6.71
C LYS B 141 -17.39 29.90 7.63
N ASN B 142 -17.93 29.95 8.84
CA ASN B 142 -17.40 30.81 9.89
C ASN B 142 -16.35 30.00 10.63
N PHE B 143 -15.08 30.28 10.35
CA PHE B 143 -13.97 29.61 11.02
C PHE B 143 -13.73 30.32 12.34
N GLU B 144 -14.01 29.64 13.45
CA GLU B 144 -13.83 30.27 14.75
C GLU B 144 -12.41 30.16 15.28
N ASP B 145 -11.64 29.16 14.85
CA ASP B 145 -10.26 29.02 15.32
C ASP B 145 -9.50 28.12 14.36
N GLY B 146 -8.24 27.85 14.72
CA GLY B 146 -7.39 27.01 13.90
C GLY B 146 -7.83 25.56 13.83
N PHE B 147 -8.61 25.09 14.81
CA PHE B 147 -9.12 23.72 14.71
C PHE B 147 -10.13 23.60 13.58
N ASP B 148 -10.97 24.62 13.37
CA ASP B 148 -11.88 24.64 12.24
C ASP B 148 -11.13 24.61 10.91
N ILE B 149 -9.95 25.26 10.86
CA ILE B 149 -9.13 25.23 9.65
C ILE B 149 -8.68 23.80 9.35
N ILE B 150 -8.10 23.13 10.34
CA ILE B 150 -7.60 21.78 10.09
C ILE B 150 -8.76 20.85 9.74
N ASP B 151 -9.92 21.06 10.37
CA ASP B 151 -11.11 20.28 10.04
C ASP B 151 -11.42 20.36 8.55
N LYS B 152 -11.38 21.57 8.00
CA LYS B 152 -11.66 21.76 6.58
C LYS B 152 -10.55 21.16 5.72
N MET B 153 -9.30 21.26 6.17
CA MET B 153 -8.18 20.69 5.41
C MET B 153 -8.32 19.19 5.24
N PHE B 154 -8.72 18.48 6.29
CA PHE B 154 -8.91 17.04 6.14
C PHE B 154 -9.99 16.74 5.11
N GLU B 155 -11.06 17.53 5.12
CA GLU B 155 -12.14 17.36 4.13
C GLU B 155 -11.61 17.58 2.71
N VAL B 156 -10.90 18.68 2.48
CA VAL B 156 -10.35 18.93 1.16
C VAL B 156 -9.35 17.86 0.75
N ARG B 157 -8.55 17.36 1.71
CA ARG B 157 -7.54 16.38 1.36
C ARG B 157 -8.16 15.04 0.95
N VAL B 158 -9.26 14.64 1.62
CA VAL B 158 -9.92 13.40 1.25
C VAL B 158 -10.62 13.55 -0.11
N GLU B 159 -11.13 14.73 -0.44
CA GLU B 159 -11.69 14.95 -1.77
C GLU B 159 -10.62 14.82 -2.85
N LYS B 160 -9.43 15.37 -2.60
CA LYS B 160 -8.34 15.26 -3.58
C LYS B 160 -7.90 13.81 -3.75
N ASP B 161 -7.84 13.06 -2.66
CA ASP B 161 -7.54 11.64 -2.77
C ASP B 161 -8.61 10.92 -3.60
N ALA B 162 -9.88 11.28 -3.40
CA ALA B 162 -10.95 10.68 -4.19
C ALA B 162 -10.80 11.03 -5.66
N ASP B 163 -10.49 12.30 -5.97
CA ASP B 163 -10.28 12.66 -7.37
C ASP B 163 -9.12 11.86 -7.96
N LEU B 164 -8.10 11.59 -7.14
CA LEU B 164 -6.98 10.82 -7.63
C LEU B 164 -7.39 9.37 -7.90
N LEU B 165 -8.16 8.77 -6.99
CA LEU B 165 -8.66 7.40 -7.20
C LEU B 165 -9.59 7.31 -8.39
N GLU B 166 -10.37 8.35 -8.64
CA GLU B 166 -11.21 8.38 -9.83
C GLU B 166 -10.36 8.46 -11.09
N TRP B 167 -9.28 9.24 -11.05
CA TRP B 167 -8.38 9.33 -12.20
C TRP B 167 -7.75 7.98 -12.50
N ILE B 168 -7.29 7.28 -11.46
CA ILE B 168 -6.74 5.94 -11.64
C ILE B 168 -7.79 5.01 -12.22
N ASP B 169 -9.04 5.17 -11.79
CA ASP B 169 -10.11 4.30 -12.25
C ASP B 169 -10.35 4.44 -13.75
N LYS B 170 -10.33 5.67 -14.26
CA LYS B 170 -10.50 5.88 -15.71
C LYS B 170 -9.41 5.13 -16.48
N GLU B 171 -8.17 5.27 -16.06
CA GLU B 171 -7.06 4.60 -16.73
C GLU B 171 -7.09 3.09 -16.53
N ALA B 172 -7.54 2.62 -15.37
CA ALA B 172 -7.62 1.18 -15.13
C ALA B 172 -8.68 0.54 -16.00
N ARG B 173 -9.83 1.21 -16.20
CA ARG B 173 -10.87 0.68 -17.09
C ARG B 173 -10.40 0.69 -18.55
N ARG B 174 -9.62 1.68 -18.94
CA ARG B 174 -9.03 1.70 -20.29
C ARG B 174 -8.13 0.48 -20.49
N LEU B 175 -7.24 0.21 -19.54
CA LEU B 175 -6.37 -0.97 -19.64
C LEU B 175 -7.17 -2.27 -19.55
N ARG B 176 -8.21 -2.30 -18.70
CA ARG B 176 -9.06 -3.48 -18.56
C ARG B 176 -9.78 -3.81 -19.87
N THR B 177 -10.38 -2.81 -20.51
CA THR B 177 -11.06 -3.03 -21.77
C THR B 177 -10.09 -3.58 -22.81
N SER B 178 -8.92 -2.95 -22.90
CA SER B 178 -7.94 -3.33 -23.91
C SER B 178 -7.43 -4.75 -23.68
N VAL B 179 -7.14 -5.10 -22.42
CA VAL B 179 -6.59 -6.42 -22.13
C VAL B 179 -7.69 -7.49 -22.19
N LEU B 180 -8.86 -7.22 -21.59
CA LEU B 180 -9.89 -8.27 -21.51
C LEU B 180 -10.51 -8.54 -22.87
N GLU B 181 -10.77 -7.49 -23.63
CA GLU B 181 -11.40 -7.62 -24.94
C GLU B 181 -10.40 -7.71 -26.06
N LYS B 182 -9.10 -7.75 -25.77
CA LYS B 182 -8.06 -7.79 -26.80
C LYS B 182 -8.30 -6.69 -27.83
N LYS B 183 -8.63 -5.49 -27.36
CA LYS B 183 -8.97 -4.39 -28.27
C LYS B 183 -7.82 -3.41 -28.29
N ASP B 184 -7.23 -3.26 -29.48
CA ASP B 184 -6.22 -2.23 -29.73
C ASP B 184 -5.14 -2.24 -28.66
N GLU B 185 -4.59 -3.42 -28.41
CA GLU B 185 -3.52 -3.48 -27.43
C GLU B 185 -2.27 -2.90 -28.06
N TYR B 186 -1.39 -2.37 -27.22
CA TYR B 186 -0.14 -1.84 -27.72
C TYR B 186 1.01 -2.67 -27.16
N SER B 187 2.23 -2.12 -27.20
CA SER B 187 3.41 -2.83 -26.72
C SER B 187 3.15 -3.46 -25.36
N TYR B 188 3.22 -4.79 -25.33
CA TYR B 188 2.92 -5.56 -24.13
C TYR B 188 3.77 -5.12 -22.95
N ASP B 189 5.05 -4.80 -23.18
CA ASP B 189 5.88 -4.30 -22.11
C ASP B 189 5.41 -2.94 -21.64
N GLU B 190 5.06 -2.04 -22.56
CA GLU B 190 4.57 -0.73 -22.17
C GLU B 190 3.28 -0.87 -21.38
N MET B 191 2.42 -1.83 -21.76
CA MET B 191 1.17 -2.03 -21.03
C MET B 191 1.43 -2.53 -19.62
N LEU B 192 2.40 -3.43 -19.47
CA LEU B 192 2.73 -3.95 -18.14
C LEU B 192 3.31 -2.84 -17.28
N LYS B 193 4.14 -1.97 -17.86
CA LYS B 193 4.68 -0.83 -17.13
C LYS B 193 3.56 0.11 -16.69
N ASP B 194 2.56 0.33 -17.56
CA ASP B 194 1.46 1.22 -17.20
C ASP B 194 0.64 0.64 -16.06
N ILE B 195 0.29 -0.64 -16.15
CA ILE B 195 -0.40 -1.32 -15.06
C ILE B 195 0.39 -1.14 -13.77
N SER B 196 1.71 -1.31 -13.87
CA SER B 196 2.58 -1.23 -12.70
C SER B 196 2.57 0.17 -12.08
N SER B 197 2.50 1.22 -12.91
CA SER B 197 2.44 2.59 -12.39
C SER B 197 1.12 2.85 -11.68
N LEU B 198 0.03 2.32 -12.22
CA LEU B 198 -1.26 2.51 -11.57
C LEU B 198 -1.31 1.78 -10.24
N GLN B 199 -0.70 0.59 -10.17
CA GLN B 199 -0.60 -0.12 -8.90
C GLN B 199 0.13 0.72 -7.88
N GLU B 200 1.23 1.36 -8.28
CA GLU B 200 1.95 2.23 -7.35
C GLU B 200 1.12 3.46 -6.97
N LEU B 201 0.44 4.08 -7.94
CA LEU B 201 -0.37 5.23 -7.58
C LEU B 201 -1.46 4.85 -6.59
N ASN B 202 -2.10 3.70 -6.81
CA ASN B 202 -3.14 3.22 -5.91
C ASN B 202 -2.62 2.98 -4.49
N MET B 203 -1.45 2.36 -4.35
CA MET B 203 -0.92 2.05 -3.02
C MET B 203 -0.53 3.33 -2.28
N ARG B 204 0.01 4.33 -2.99
CA ARG B 204 0.39 5.58 -2.35
C ARG B 204 -0.84 6.38 -1.88
N VAL B 205 -1.92 6.36 -2.66
CA VAL B 205 -3.11 7.08 -2.23
C VAL B 205 -3.71 6.39 -1.02
N ARG B 206 -3.69 5.06 -1.02
CA ARG B 206 -4.25 4.34 0.10
C ARG B 206 -3.45 4.65 1.38
N ASP B 207 -2.12 4.65 1.28
CA ASP B 207 -1.35 5.00 2.48
C ASP B 207 -1.64 6.42 2.93
N SER B 208 -1.82 7.34 1.98
CA SER B 208 -2.19 8.70 2.34
C SER B 208 -3.54 8.72 3.07
N LEU B 209 -4.48 7.87 2.67
CA LEU B 209 -5.77 7.81 3.36
C LEU B 209 -5.62 7.19 4.74
N PHE B 210 -4.76 6.16 4.87
CA PHE B 210 -4.50 5.56 6.18
C PHE B 210 -3.88 6.57 7.12
N ASP B 211 -2.91 7.36 6.62
CA ASP B 211 -2.25 8.36 7.45
C ASP B 211 -3.24 9.39 7.99
N LYS B 212 -4.15 9.90 7.16
CA LYS B 212 -5.14 10.85 7.65
C LYS B 212 -6.14 10.20 8.59
N ARG B 213 -6.43 8.92 8.39
CA ARG B 213 -7.36 8.22 9.27
C ARG B 213 -6.77 8.11 10.67
N ARG B 214 -5.53 7.68 10.78
CA ARG B 214 -4.88 7.64 12.09
C ARG B 214 -4.87 9.02 12.74
N ALA B 215 -4.61 10.07 11.96
CA ALA B 215 -4.56 11.43 12.51
C ALA B 215 -5.93 11.89 12.96
N MET B 216 -6.94 11.75 12.11
CA MET B 216 -8.29 12.17 12.47
C MET B 216 -8.81 11.36 13.65
N THR B 217 -8.44 10.08 13.73
CA THR B 217 -8.89 9.23 14.83
C THR B 217 -8.33 9.69 16.17
N SER B 218 -7.06 10.13 16.19
CA SER B 218 -6.49 10.67 17.42
C SER B 218 -7.11 12.03 17.76
N LEU B 219 -7.38 12.84 16.74
CA LEU B 219 -8.07 14.10 16.97
C LEU B 219 -9.44 13.88 17.64
N LEU B 220 -10.15 12.83 17.25
CA LEU B 220 -11.44 12.53 17.86
C LEU B 220 -11.34 12.31 19.36
N LYS B 221 -10.15 11.97 19.88
CA LYS B 221 -9.98 11.75 21.30
C LYS B 221 -9.57 13.01 22.07
N SER B 222 -9.19 14.09 21.39
CA SER B 222 -8.71 15.28 22.07
C SER B 222 -9.87 16.08 22.65
N ASP B 223 -9.69 16.62 23.85
CA ASP B 223 -10.69 17.55 24.35
C ASP B 223 -10.39 18.97 23.92
N LYS B 224 -9.41 19.18 23.05
CA LYS B 224 -9.26 20.49 22.43
C LYS B 224 -10.25 20.68 21.29
N ILE B 225 -10.89 19.61 20.84
CA ILE B 225 -11.75 19.60 19.67
C ILE B 225 -13.20 19.68 20.14
N ASP B 226 -13.95 20.67 19.66
CA ASP B 226 -15.33 20.75 20.14
C ASP B 226 -16.25 19.82 19.35
N LYS B 227 -17.50 19.75 19.82
CA LYS B 227 -18.43 18.74 19.34
C LYS B 227 -18.75 18.89 17.86
N ASP B 228 -18.71 20.11 17.33
CA ASP B 228 -19.05 20.30 15.91
C ASP B 228 -17.96 19.74 15.01
N ILE B 229 -16.70 19.92 15.38
CA ILE B 229 -15.62 19.38 14.56
C ILE B 229 -15.63 17.85 14.60
N LYS B 230 -15.79 17.27 15.78
CA LYS B 230 -15.76 15.80 15.88
C LYS B 230 -16.84 15.17 15.02
N GLN B 231 -18.03 15.79 14.96
CA GLN B 231 -19.07 15.27 14.08
C GLN B 231 -18.65 15.36 12.61
N ASN B 232 -17.99 16.44 12.22
CA ASN B 232 -17.55 16.55 10.83
C ASN B 232 -16.41 15.58 10.55
N LEU B 233 -15.44 15.45 11.48
CA LEU B 233 -14.39 14.45 11.29
C LEU B 233 -14.97 13.04 11.19
N THR B 234 -16.08 12.78 11.90
CA THR B 234 -16.70 11.48 11.81
C THR B 234 -17.25 11.22 10.41
N ILE B 235 -17.87 12.23 9.79
CA ILE B 235 -18.40 12.04 8.44
C ILE B 235 -17.26 11.90 7.42
N VAL B 236 -16.18 12.68 7.58
CA VAL B 236 -15.05 12.57 6.67
C VAL B 236 -14.43 11.18 6.76
N LEU B 237 -14.32 10.65 7.98
CA LEU B 237 -13.77 9.31 8.19
C LEU B 237 -14.59 8.25 7.48
N LYS B 238 -15.92 8.38 7.49
CA LYS B 238 -16.76 7.40 6.81
C LYS B 238 -16.48 7.41 5.31
N ASP B 239 -16.36 8.59 4.70
CA ASP B 239 -16.03 8.67 3.28
C ASP B 239 -14.62 8.16 3.02
N LEU B 240 -13.67 8.52 3.88
CA LEU B 240 -12.30 8.03 3.74
C LEU B 240 -12.26 6.51 3.72
N ASN B 241 -13.00 5.87 4.62
CA ASN B 241 -13.00 4.41 4.65
C ASN B 241 -13.66 3.82 3.40
N SER B 242 -14.72 4.46 2.92
CA SER B 242 -15.29 4.05 1.64
C SER B 242 -14.24 4.13 0.54
N LEU B 243 -13.44 5.20 0.55
CA LEU B 243 -12.38 5.31 -0.46
C LEU B 243 -11.34 4.22 -0.27
N VAL B 244 -11.06 3.82 0.96
CA VAL B 244 -10.07 2.76 1.16
C VAL B 244 -10.58 1.46 0.57
N GLU B 245 -11.86 1.14 0.81
CA GLU B 245 -12.46 -0.08 0.24
C GLU B 245 -12.46 -0.01 -1.28
N PHE B 246 -12.85 1.13 -1.84
CA PHE B 246 -12.77 1.30 -3.28
C PHE B 246 -11.35 1.05 -3.79
N SER B 247 -10.34 1.58 -3.09
CA SER B 247 -8.97 1.42 -3.56
C SER B 247 -8.54 -0.04 -3.57
N VAL B 248 -9.04 -0.84 -2.62
CA VAL B 248 -8.70 -2.26 -2.54
C VAL B 248 -9.27 -3.03 -3.73
N SER B 249 -10.54 -2.81 -4.05
CA SER B 249 -11.10 -3.40 -5.26
C SER B 249 -10.32 -2.97 -6.50
N GLN B 250 -9.89 -1.71 -6.55
CA GLN B 250 -9.20 -1.20 -7.72
C GLN B 250 -7.85 -1.89 -7.90
N LEU B 251 -7.13 -2.14 -6.81
CA LEU B 251 -5.84 -2.80 -6.92
C LEU B 251 -6.02 -4.27 -7.28
N ASN B 252 -7.05 -4.93 -6.74
CA ASN B 252 -7.35 -6.30 -7.16
C ASN B 252 -7.60 -6.37 -8.66
N ILE B 253 -8.33 -5.39 -9.21
CA ILE B 253 -8.60 -5.37 -10.65
C ILE B 253 -7.30 -5.22 -11.42
N LEU B 254 -6.47 -4.26 -11.01
CA LEU B 254 -5.19 -4.03 -11.67
C LEU B 254 -4.29 -5.27 -11.61
N ASP B 255 -4.27 -5.98 -10.48
CA ASP B 255 -3.48 -7.19 -10.37
C ASP B 255 -4.01 -8.28 -11.29
N ASN B 256 -5.33 -8.38 -11.42
CA ASN B 256 -5.92 -9.41 -12.27
C ASN B 256 -5.75 -9.09 -13.74
N ILE B 257 -5.70 -7.80 -14.09
CA ILE B 257 -5.39 -7.40 -15.46
C ILE B 257 -3.96 -7.77 -15.81
N GLN B 258 -3.04 -7.58 -14.86
CA GLN B 258 -1.65 -7.95 -15.10
C GLN B 258 -1.53 -9.44 -15.40
N THR B 259 -2.24 -10.27 -14.61
CA THR B 259 -2.18 -11.72 -14.77
C THR B 259 -2.79 -12.16 -16.10
N ILE B 260 -3.93 -11.58 -16.47
CA ILE B 260 -4.56 -11.94 -17.73
C ILE B 260 -3.65 -11.54 -18.88
N LEU B 261 -3.03 -10.37 -18.78
CA LEU B 261 -2.10 -9.91 -19.79
C LEU B 261 -0.87 -10.81 -19.87
N ALA B 262 -0.30 -11.18 -18.72
CA ALA B 262 0.85 -12.07 -18.74
C ALA B 262 0.44 -13.43 -19.32
N SER B 263 -0.80 -13.84 -19.08
CA SER B 263 -1.31 -15.08 -19.66
C SER B 263 -1.35 -15.00 -21.17
N GLN B 264 -1.80 -13.86 -21.70
CA GLN B 264 -1.88 -13.69 -23.14
C GLN B 264 -0.50 -13.61 -23.78
N ILE B 265 0.42 -12.86 -23.17
CA ILE B 265 1.78 -12.77 -23.68
C ILE B 265 2.39 -14.16 -23.83
N ASN B 266 2.26 -14.99 -22.80
CA ASN B 266 2.91 -16.29 -22.80
C ASN B 266 2.29 -17.23 -23.83
N ILE B 267 0.96 -17.23 -23.94
CA ILE B 267 0.32 -18.08 -24.94
C ILE B 267 0.78 -17.67 -26.34
N GLU B 268 0.94 -16.36 -26.57
CA GLU B 268 1.38 -15.88 -27.87
C GLU B 268 2.89 -16.04 -28.06
N GLN B 269 3.68 -15.82 -27.01
CA GLN B 269 5.12 -16.04 -27.11
C GLN B 269 5.43 -17.52 -27.17
NI NI C . -4.49 -32.95 6.22
S SO4 D . -15.76 -6.53 -11.02
O1 SO4 D . -17.14 -6.11 -11.06
O2 SO4 D . -14.89 -5.41 -11.28
O3 SO4 D . -15.45 -7.04 -9.71
O4 SO4 D . -15.51 -7.58 -11.97
S SO4 E . 9.70 -26.38 7.23
O1 SO4 E . 8.86 -25.21 7.41
O2 SO4 E . 10.68 -26.44 8.31
O3 SO4 E . 8.87 -27.59 7.22
O4 SO4 E . 10.42 -26.28 5.96
S SO4 F . 13.73 -11.23 -7.75
O1 SO4 F . 12.95 -11.06 -6.54
O2 SO4 F . 15.11 -10.84 -7.52
O3 SO4 F . 13.66 -12.62 -8.18
O4 SO4 F . 13.20 -10.37 -8.81
NI NI G . -16.47 25.59 16.72
S SO4 H . 1.81 18.79 -7.39
O1 SO4 H . 1.04 18.04 -6.41
O2 SO4 H . 1.98 20.18 -6.95
O3 SO4 H . 3.13 18.19 -7.52
O4 SO4 H . 1.11 18.75 -8.66
S SO4 I . 10.30 5.00 18.79
O1 SO4 I . 8.86 4.95 18.60
O2 SO4 I . 10.73 6.37 19.08
O3 SO4 I . 10.66 4.16 19.91
O4 SO4 I . 10.98 4.54 17.59
S SO4 J . -16.55 24.81 1.41
O1 SO4 J . -16.28 25.60 2.61
O2 SO4 J . -15.63 25.22 0.35
O3 SO4 J . -16.37 23.40 1.69
O4 SO4 J . -17.93 25.05 0.99
#